data_5M69
#
_entry.id   5M69
#
_cell.length_a   92.476
_cell.length_b   92.476
_cell.length_c   129.938
_cell.angle_alpha   90.00
_cell.angle_beta   90.00
_cell.angle_gamma   120.00
#
_symmetry.space_group_name_H-M   'P 61 2 2'
#
loop_
_entity.id
_entity.type
_entity.pdbx_description
1 polymer Thermolysin
2 non-polymer 'ZINC ION'
3 non-polymer 'CALCIUM ION'
4 non-polymer GLYCEROL
5 non-polymer '(2~{S})-4-methyl-2-[2-[[oxidanyl(phenylmethoxycarbonylaminomethyl)phosphoryl]amino]ethanoylamino]pentanoic acid'
6 non-polymer XENON
7 non-polymer 'DIMETHYL SULFOXIDE'
8 water water
#
_entity_poly.entity_id   1
_entity_poly.type   'polypeptide(L)'
_entity_poly.pdbx_seq_one_letter_code
;ITGTSTVGVGRGVLGDQKNINTTYSTYYYLQDNTRGNGIFTYDAKYRTTLPGSLWADADNQFFASYDAPAVDAHYYAGVT
YDYYKNVHNRLSYDGNNAAIRSSVHYSQGYNNAFWNGSQMVYGDGDGQTFIPLSGGIDVVAHELTHAVTDYTAGLIYQNE
SGAINEAISDIFGTLVEFYANKNPDWEIGEDVYTPGISGDSLRSMSDPAKYGDPDHYSKRYTGTQDNGGVHINSGIINKA
AYLISQGGTHYGVSVVGIGRDKLGKIFYRALTQYLTPTSNFSQLRAAAVQSATDLYGSTSQEVASVKQAFDAVGVK
;
_entity_poly.pdbx_strand_id   E
#
loop_
_chem_comp.id
_chem_comp.type
_chem_comp.name
_chem_comp.formula
7GR non-polymer '(2~{S})-4-methyl-2-[2-[[oxidanyl(phenylmethoxycarbonylaminomethyl)phosphoryl]amino]ethanoylamino]pentanoic acid' 'C17 H26 N3 O7 P'
CA non-polymer 'CALCIUM ION' 'Ca 2'
DMS non-polymer 'DIMETHYL SULFOXIDE' 'C2 H6 O S'
GOL non-polymer GLYCEROL 'C3 H8 O3'
XE non-polymer XENON Xe
ZN non-polymer 'ZINC ION' 'Zn 2'
#
# COMPACT_ATOMS: atom_id res chain seq x y z
N ILE A 1 -5.76 5.58 -24.68
CA ILE A 1 -6.24 5.57 -26.11
C ILE A 1 -7.64 6.17 -26.14
N THR A 2 -8.03 6.70 -27.30
CA THR A 2 -9.39 7.16 -27.48
C THR A 2 -10.29 6.01 -27.82
N GLY A 3 -11.39 5.87 -27.10
CA GLY A 3 -12.31 4.80 -27.37
C GLY A 3 -13.52 4.93 -26.51
N THR A 4 -14.27 3.86 -26.37
CA THR A 4 -15.47 3.91 -25.53
C THR A 4 -15.28 3.00 -24.32
N SER A 5 -15.85 3.44 -23.22
CA SER A 5 -15.71 2.72 -21.98
C SER A 5 -16.60 1.48 -21.98
N THR A 6 -16.00 0.37 -21.54
CA THR A 6 -16.62 -0.94 -21.56
C THR A 6 -16.33 -1.61 -20.22
N VAL A 7 -16.95 -2.77 -20.02
CA VAL A 7 -16.76 -3.57 -18.80
C VAL A 7 -16.44 -5.00 -19.20
N GLY A 8 -15.22 -5.43 -18.91
CA GLY A 8 -14.78 -6.79 -19.13
C GLY A 8 -14.92 -7.60 -17.87
N VAL A 9 -14.61 -8.89 -18.00
N VAL A 9 -14.61 -8.89 -18.00
CA VAL A 9 -14.68 -9.81 -16.87
CA VAL A 9 -14.69 -9.82 -16.89
C VAL A 9 -13.44 -10.69 -16.94
C VAL A 9 -13.47 -10.71 -16.94
N GLY A 10 -12.94 -11.09 -15.78
CA GLY A 10 -11.80 -11.96 -15.77
C GLY A 10 -11.59 -12.57 -14.41
N ARG A 11 -10.46 -13.25 -14.28
CA ARG A 11 -10.09 -13.86 -13.02
C ARG A 11 -8.74 -13.34 -12.58
N GLY A 12 -8.62 -13.06 -11.30
CA GLY A 12 -7.39 -12.61 -10.72
C GLY A 12 -6.46 -13.75 -10.35
N VAL A 13 -5.35 -13.38 -9.71
CA VAL A 13 -4.27 -14.30 -9.34
C VAL A 13 -4.76 -15.40 -8.41
N LEU A 14 -5.70 -15.10 -7.52
CA LEU A 14 -6.22 -16.10 -6.59
C LEU A 14 -7.42 -16.86 -7.15
N GLY A 15 -7.78 -16.64 -8.42
CA GLY A 15 -8.85 -17.39 -9.06
C GLY A 15 -10.24 -16.82 -8.91
N ASP A 16 -10.34 -15.62 -8.39
CA ASP A 16 -11.61 -14.96 -8.16
C ASP A 16 -12.04 -14.17 -9.39
N GLN A 17 -13.33 -14.23 -9.71
CA GLN A 17 -13.86 -13.53 -10.86
C GLN A 17 -14.17 -12.08 -10.48
N LYS A 18 -13.85 -11.15 -11.36
CA LYS A 18 -14.22 -9.77 -11.11
C LYS A 18 -14.44 -9.04 -12.42
N ASN A 19 -15.26 -8.01 -12.38
CA ASN A 19 -15.44 -7.11 -13.52
C ASN A 19 -14.36 -6.05 -13.51
N ILE A 20 -13.93 -5.65 -14.70
N ILE A 20 -13.92 -5.65 -14.71
CA ILE A 20 -12.92 -4.60 -14.82
CA ILE A 20 -12.88 -4.64 -14.88
C ILE A 20 -13.33 -3.60 -15.88
C ILE A 20 -13.32 -3.61 -15.90
N ASN A 21 -12.98 -2.35 -15.65
CA ASN A 21 -13.28 -1.29 -16.59
C ASN A 21 -12.24 -1.25 -17.68
N THR A 22 -12.71 -1.34 -18.93
CA THR A 22 -11.84 -1.39 -20.10
C THR A 22 -12.24 -0.29 -21.08
N THR A 23 -11.48 -0.17 -22.15
CA THR A 23 -11.76 0.76 -23.23
C THR A 23 -11.71 0.02 -24.56
N TYR A 24 -12.72 0.19 -25.40
CA TYR A 24 -12.73 -0.46 -26.69
C TYR A 24 -12.36 0.50 -27.81
N SER A 25 -11.37 0.08 -28.58
CA SER A 25 -11.02 0.70 -29.85
C SER A 25 -10.20 -0.35 -30.60
N THR A 26 -10.89 -1.13 -31.43
CA THR A 26 -10.38 -2.32 -32.12
C THR A 26 -10.12 -3.48 -31.15
N TYR A 27 -9.28 -3.26 -30.15
CA TYR A 27 -9.08 -4.15 -29.03
C TYR A 27 -9.76 -3.57 -27.81
N TYR A 28 -9.92 -4.41 -26.80
CA TYR A 28 -10.29 -3.99 -25.47
C TYR A 28 -9.02 -3.80 -24.64
N TYR A 29 -8.80 -2.61 -24.16
CA TYR A 29 -7.61 -2.24 -23.41
C TYR A 29 -7.92 -2.14 -21.93
N LEU A 30 -6.92 -2.44 -21.11
CA LEU A 30 -7.02 -2.22 -19.66
C LEU A 30 -6.78 -0.75 -19.39
N GLN A 31 -7.85 0.00 -19.65
CA GLN A 31 -7.91 1.44 -19.49
C GLN A 31 -9.27 1.74 -18.90
N ASP A 32 -9.25 2.16 -17.61
CA ASP A 32 -10.47 2.47 -16.84
C ASP A 32 -10.68 3.96 -16.87
N ASN A 33 -11.69 4.40 -17.60
CA ASN A 33 -11.98 5.82 -17.74
C ASN A 33 -12.89 6.37 -16.64
N THR A 34 -13.32 5.51 -15.74
CA THR A 34 -14.30 5.91 -14.72
C THR A 34 -13.66 6.57 -13.52
N ARG A 35 -12.35 6.55 -13.42
CA ARG A 35 -11.63 7.07 -12.27
C ARG A 35 -10.61 8.12 -12.72
N GLY A 36 -10.83 9.36 -12.33
CA GLY A 36 -9.87 10.41 -12.62
C GLY A 36 -9.59 10.51 -14.10
N ASN A 37 -8.30 10.67 -14.41
CA ASN A 37 -7.82 10.71 -15.76
C ASN A 37 -7.39 9.35 -16.25
N GLY A 38 -7.85 8.31 -15.58
CA GLY A 38 -7.73 6.95 -16.06
C GLY A 38 -6.79 6.12 -15.21
N ILE A 39 -7.03 4.82 -15.27
CA ILE A 39 -6.15 3.79 -14.74
C ILE A 39 -5.76 2.91 -15.91
N PHE A 40 -4.48 2.74 -16.12
CA PHE A 40 -3.92 2.11 -17.30
C PHE A 40 -2.99 0.99 -16.86
N THR A 41 -3.18 -0.19 -17.41
CA THR A 41 -2.37 -1.37 -17.06
C THR A 41 -1.67 -1.91 -18.30
N TYR A 42 -0.37 -2.18 -18.14
CA TYR A 42 0.55 -2.49 -19.22
C TYR A 42 1.18 -3.87 -19.03
N ASP A 43 1.55 -4.48 -20.15
CA ASP A 43 2.28 -5.75 -20.20
C ASP A 43 3.76 -5.47 -20.39
N ALA A 44 4.58 -5.79 -19.40
CA ALA A 44 6.04 -5.69 -19.52
C ALA A 44 6.67 -6.93 -20.17
N LYS A 45 5.90 -8.00 -20.40
CA LYS A 45 6.30 -9.13 -21.26
C LYS A 45 7.57 -9.80 -20.79
N TYR A 46 7.79 -9.85 -19.48
CA TYR A 46 8.93 -10.49 -18.85
C TYR A 46 10.21 -9.70 -19.02
N ARG A 47 10.15 -8.50 -19.57
CA ARG A 47 11.30 -7.65 -19.74
C ARG A 47 11.31 -6.56 -18.69
N THR A 48 12.32 -5.72 -18.77
CA THR A 48 12.51 -4.66 -17.77
C THR A 48 12.39 -3.27 -18.38
N THR A 49 12.01 -3.17 -19.64
CA THR A 49 11.72 -1.89 -20.27
C THR A 49 10.29 -1.49 -19.89
N LEU A 50 10.14 -0.25 -19.45
CA LEU A 50 8.87 0.21 -18.92
C LEU A 50 8.32 1.38 -19.72
N PRO A 51 6.98 1.47 -19.85
CA PRO A 51 6.00 0.61 -19.19
C PRO A 51 5.69 -0.71 -19.89
N GLY A 52 6.13 -0.85 -21.13
CA GLY A 52 5.66 -1.93 -21.94
C GLY A 52 4.48 -1.47 -22.77
N SER A 53 3.61 -2.40 -23.11
N SER A 53 3.64 -2.40 -23.18
CA SER A 53 2.49 -2.13 -24.00
CA SER A 53 2.52 -2.06 -24.05
C SER A 53 1.19 -2.02 -23.20
C SER A 53 1.19 -2.05 -23.29
N LEU A 54 0.35 -1.06 -23.57
CA LEU A 54 -0.96 -0.99 -22.93
C LEU A 54 -1.68 -2.30 -23.18
N TRP A 55 -2.25 -2.89 -22.12
CA TRP A 55 -2.73 -4.26 -22.22
C TRP A 55 -3.94 -4.33 -23.15
N ALA A 56 -3.83 -5.11 -24.23
CA ALA A 56 -4.86 -5.28 -25.23
C ALA A 56 -5.36 -6.72 -25.22
N ASP A 57 -6.65 -6.87 -25.42
CA ASP A 57 -7.33 -8.15 -25.40
C ASP A 57 -8.40 -8.15 -26.49
N ALA A 58 -8.50 -9.24 -27.24
CA ALA A 58 -9.42 -9.30 -28.36
C ALA A 58 -10.89 -9.33 -27.96
N ASP A 59 -11.27 -9.94 -26.83
CA ASP A 59 -12.67 -10.23 -26.55
C ASP A 59 -13.23 -9.67 -25.24
N ASN A 60 -12.46 -8.94 -24.47
CA ASN A 60 -12.92 -8.36 -23.22
C ASN A 60 -13.14 -9.40 -22.11
N GLN A 61 -12.57 -10.60 -22.27
CA GLN A 61 -12.63 -11.68 -21.29
C GLN A 61 -11.18 -11.97 -20.90
N PHE A 62 -10.91 -11.98 -19.61
CA PHE A 62 -9.53 -12.03 -19.09
C PHE A 62 -9.38 -13.22 -18.14
N PHE A 63 -9.56 -14.43 -18.68
CA PHE A 63 -9.51 -15.66 -17.90
C PHE A 63 -8.26 -16.48 -18.14
N ALA A 64 -7.32 -16.00 -18.95
CA ALA A 64 -6.09 -16.76 -19.16
C ALA A 64 -5.16 -16.58 -17.96
N SER A 65 -4.35 -17.60 -17.70
CA SER A 65 -3.36 -17.46 -16.62
C SER A 65 -2.50 -16.22 -16.79
N TYR A 66 -2.09 -15.91 -18.03
CA TYR A 66 -1.24 -14.74 -18.27
C TYR A 66 -1.97 -13.45 -17.93
N ASP A 67 -3.30 -13.46 -18.00
CA ASP A 67 -4.09 -12.26 -17.71
C ASP A 67 -4.19 -11.95 -16.22
N ALA A 68 -4.08 -12.95 -15.35
CA ALA A 68 -4.48 -12.77 -13.96
C ALA A 68 -3.74 -11.63 -13.27
N PRO A 69 -2.43 -11.47 -13.41
CA PRO A 69 -1.79 -10.34 -12.72
C PRO A 69 -2.25 -9.00 -13.20
N ALA A 70 -2.61 -8.90 -14.47
CA ALA A 70 -3.09 -7.64 -15.01
C ALA A 70 -4.49 -7.32 -14.48
N VAL A 71 -5.37 -8.32 -14.42
CA VAL A 71 -6.70 -8.14 -13.86
C VAL A 71 -6.59 -7.54 -12.47
N ASP A 72 -5.73 -8.12 -11.63
CA ASP A 72 -5.64 -7.67 -10.24
C ASP A 72 -4.94 -6.33 -10.09
N ALA A 73 -3.89 -6.06 -10.87
CA ALA A 73 -3.27 -4.76 -10.77
C ALA A 73 -4.27 -3.68 -11.11
N HIS A 74 -5.04 -3.91 -12.16
CA HIS A 74 -5.99 -2.94 -12.68
C HIS A 74 -7.12 -2.75 -11.67
N TYR A 75 -7.69 -3.86 -11.19
CA TYR A 75 -8.84 -3.79 -10.28
C TYR A 75 -8.44 -3.17 -8.94
N TYR A 76 -7.33 -3.62 -8.37
CA TYR A 76 -6.94 -3.13 -7.05
C TYR A 76 -6.44 -1.69 -7.11
N ALA A 77 -5.92 -1.24 -8.23
CA ALA A 77 -5.63 0.19 -8.38
C ALA A 77 -6.94 0.98 -8.29
N GLY A 78 -8.01 0.46 -8.91
CA GLY A 78 -9.32 1.08 -8.80
C GLY A 78 -9.83 1.14 -7.37
N VAL A 79 -9.67 0.04 -6.61
CA VAL A 79 -10.12 0.05 -5.23
C VAL A 79 -9.34 1.07 -4.43
N THR A 80 -8.02 1.16 -4.69
CA THR A 80 -7.20 2.09 -3.94
C THR A 80 -7.54 3.54 -4.28
N TYR A 81 -7.80 3.83 -5.55
CA TYR A 81 -8.30 5.15 -5.94
C TYR A 81 -9.59 5.48 -5.19
N ASP A 82 -10.50 4.52 -5.14
CA ASP A 82 -11.78 4.74 -4.47
C ASP A 82 -11.59 5.01 -2.98
N TYR A 83 -10.68 4.29 -2.34
CA TYR A 83 -10.41 4.54 -0.93
C TYR A 83 -9.96 5.97 -0.74
N TYR A 84 -8.94 6.39 -1.48
CA TYR A 84 -8.43 7.74 -1.25
C TYR A 84 -9.47 8.82 -1.58
N LYS A 85 -10.26 8.63 -2.64
CA LYS A 85 -11.30 9.59 -2.98
C LYS A 85 -12.42 9.61 -1.92
N ASN A 86 -12.96 8.45 -1.60
CA ASN A 86 -14.16 8.40 -0.76
C ASN A 86 -13.84 8.65 0.71
N VAL A 87 -12.66 8.22 1.17
CA VAL A 87 -12.35 8.31 2.58
C VAL A 87 -11.59 9.60 2.89
N HIS A 88 -10.70 10.04 2.00
CA HIS A 88 -9.85 11.20 2.27
C HIS A 88 -10.06 12.37 1.34
N ASN A 89 -11.02 12.28 0.43
CA ASN A 89 -11.26 13.33 -0.54
C ASN A 89 -9.99 13.68 -1.31
N ARG A 90 -9.19 12.66 -1.66
CA ARG A 90 -8.00 12.85 -2.45
C ARG A 90 -8.22 12.22 -3.82
N LEU A 91 -7.93 12.99 -4.86
CA LEU A 91 -8.15 12.57 -6.24
C LEU A 91 -6.83 12.08 -6.84
N SER A 92 -6.66 10.76 -6.88
CA SER A 92 -5.44 10.10 -7.31
C SER A 92 -4.23 10.47 -6.45
N TYR A 93 -3.04 10.07 -6.87
CA TYR A 93 -1.91 10.19 -5.99
C TYR A 93 -1.40 11.62 -5.89
N ASP A 94 -1.63 12.45 -6.91
CA ASP A 94 -1.17 13.83 -6.88
C ASP A 94 -2.26 14.79 -6.39
N GLY A 95 -3.45 14.29 -6.07
CA GLY A 95 -4.56 15.15 -5.68
C GLY A 95 -5.24 15.86 -6.84
N ASN A 96 -4.82 15.63 -8.07
CA ASN A 96 -5.39 16.26 -9.26
C ASN A 96 -5.72 15.21 -10.31
N ASN A 97 -6.06 14.02 -9.89
CA ASN A 97 -6.53 12.98 -10.81
C ASN A 97 -5.48 12.54 -11.83
N ALA A 98 -4.20 12.53 -11.45
CA ALA A 98 -3.18 11.95 -12.34
C ALA A 98 -3.56 10.53 -12.77
N ALA A 99 -3.28 10.23 -14.03
CA ALA A 99 -3.44 8.88 -14.53
C ALA A 99 -2.57 7.93 -13.72
N ILE A 100 -3.14 6.78 -13.40
CA ILE A 100 -2.42 5.75 -12.66
C ILE A 100 -1.98 4.66 -13.61
N ARG A 101 -0.68 4.40 -13.68
CA ARG A 101 -0.15 3.43 -14.62
C ARG A 101 0.55 2.32 -13.85
N SER A 102 0.32 1.06 -14.28
CA SER A 102 0.94 -0.12 -13.70
C SER A 102 1.42 -1.03 -14.80
N SER A 103 2.57 -1.68 -14.61
CA SER A 103 3.05 -2.74 -15.49
C SER A 103 3.13 -4.03 -14.71
N VAL A 104 2.71 -5.12 -15.35
CA VAL A 104 2.81 -6.46 -14.79
C VAL A 104 3.69 -7.32 -15.70
N HIS A 105 4.00 -8.51 -15.22
CA HIS A 105 4.96 -9.39 -15.86
C HIS A 105 6.29 -8.69 -16.03
N TYR A 106 6.72 -7.96 -15.00
CA TYR A 106 8.04 -7.32 -15.04
C TYR A 106 9.13 -8.34 -14.74
N SER A 107 10.08 -8.43 -15.63
CA SER A 107 11.25 -9.28 -15.50
C SER A 107 10.83 -10.75 -15.42
N GLN A 108 11.76 -11.59 -14.95
CA GLN A 108 11.54 -13.04 -14.82
C GLN A 108 11.76 -13.47 -13.39
N GLY A 109 10.78 -14.13 -12.81
CA GLY A 109 10.92 -14.63 -11.44
C GLY A 109 11.11 -13.54 -10.42
N TYR A 110 10.51 -12.36 -10.64
CA TYR A 110 10.88 -11.16 -9.90
C TYR A 110 10.05 -11.07 -8.62
N ASN A 111 10.73 -11.19 -7.48
CA ASN A 111 10.08 -11.28 -6.18
C ASN A 111 9.95 -9.90 -5.54
N ASN A 112 9.32 -8.97 -6.24
CA ASN A 112 9.13 -7.65 -5.67
C ASN A 112 8.12 -6.87 -6.53
N ALA A 113 7.79 -5.69 -6.02
CA ALA A 113 6.95 -4.71 -6.69
C ALA A 113 7.44 -3.35 -6.22
N PHE A 114 7.20 -2.32 -7.01
CA PHE A 114 7.73 -1.02 -6.65
C PHE A 114 7.01 0.09 -7.41
N TRP A 115 7.18 1.30 -6.90
CA TRP A 115 6.86 2.55 -7.58
C TRP A 115 8.18 3.14 -8.09
N ASN A 116 8.28 3.37 -9.40
CA ASN A 116 9.54 3.77 -9.99
C ASN A 116 9.71 5.27 -10.12
N GLY A 117 8.87 6.06 -9.42
CA GLY A 117 8.81 7.51 -9.56
C GLY A 117 7.70 7.99 -10.48
N SER A 118 7.16 7.10 -11.33
CA SER A 118 6.16 7.42 -12.33
C SER A 118 5.06 6.41 -12.47
N GLN A 119 5.25 5.19 -12.01
CA GLN A 119 4.29 4.12 -12.24
C GLN A 119 4.56 2.98 -11.26
N MET A 120 3.56 2.11 -11.12
CA MET A 120 3.71 0.87 -10.37
C MET A 120 4.25 -0.22 -11.28
N VAL A 121 5.00 -1.14 -10.67
CA VAL A 121 5.65 -2.24 -11.37
C VAL A 121 5.52 -3.50 -10.51
N TYR A 122 5.04 -4.58 -11.10
CA TYR A 122 4.85 -5.83 -10.38
C TYR A 122 5.57 -7.00 -11.01
N GLY A 123 6.40 -7.71 -10.21
CA GLY A 123 6.92 -8.99 -10.63
C GLY A 123 5.88 -10.07 -10.55
N ASP A 124 6.20 -11.18 -11.20
CA ASP A 124 5.37 -12.40 -11.11
C ASP A 124 5.77 -13.30 -9.96
N GLY A 125 6.89 -13.01 -9.30
CA GLY A 125 7.40 -13.96 -8.34
C GLY A 125 8.04 -15.14 -8.99
N ASP A 126 8.80 -15.90 -8.20
CA ASP A 126 9.42 -17.11 -8.71
C ASP A 126 8.58 -18.35 -8.50
N GLY A 127 7.38 -18.19 -7.97
CA GLY A 127 6.48 -19.29 -7.75
C GLY A 127 6.66 -20.00 -6.43
N GLN A 128 7.74 -19.70 -5.72
CA GLN A 128 8.07 -20.28 -4.42
C GLN A 128 8.06 -19.23 -3.33
N THR A 129 8.79 -18.14 -3.49
CA THR A 129 8.74 -17.05 -2.54
C THR A 129 7.47 -16.23 -2.73
N PHE A 130 7.06 -16.00 -3.98
CA PHE A 130 5.87 -15.23 -4.29
C PHE A 130 5.18 -15.80 -5.51
N ILE A 131 3.86 -15.58 -5.56
CA ILE A 131 3.07 -15.61 -6.78
C ILE A 131 2.91 -14.16 -7.23
N PRO A 132 2.31 -13.88 -8.38
CA PRO A 132 2.35 -12.51 -8.90
C PRO A 132 1.85 -11.50 -7.88
N LEU A 133 2.64 -10.45 -7.67
CA LEU A 133 2.47 -9.65 -6.46
C LEU A 133 1.25 -8.73 -6.51
N SER A 134 0.69 -8.48 -7.69
CA SER A 134 -0.54 -7.71 -7.77
C SER A 134 -1.73 -8.48 -7.23
N GLY A 135 -1.56 -9.76 -6.90
CA GLY A 135 -2.65 -10.49 -6.27
C GLY A 135 -2.97 -10.05 -4.87
N GLY A 136 -2.11 -9.23 -4.25
CA GLY A 136 -2.33 -8.76 -2.90
C GLY A 136 -2.83 -7.33 -2.93
N ILE A 137 -4.06 -7.13 -2.44
CA ILE A 137 -4.59 -5.77 -2.44
C ILE A 137 -3.76 -4.86 -1.57
N ASP A 138 -3.26 -5.37 -0.44
CA ASP A 138 -2.38 -4.59 0.41
C ASP A 138 -1.08 -4.20 -0.29
N VAL A 139 -0.54 -5.09 -1.13
CA VAL A 139 0.66 -4.79 -1.90
C VAL A 139 0.38 -3.69 -2.92
N VAL A 140 -0.71 -3.81 -3.69
CA VAL A 140 -1.06 -2.78 -4.67
C VAL A 140 -1.22 -1.43 -3.97
N ALA A 141 -1.98 -1.41 -2.88
CA ALA A 141 -2.22 -0.16 -2.17
C ALA A 141 -0.94 0.36 -1.52
N HIS A 142 -0.06 -0.53 -1.06
CA HIS A 142 1.25 -0.13 -0.57
C HIS A 142 2.01 0.62 -1.65
N GLU A 143 2.04 0.07 -2.85
CA GLU A 143 2.78 0.70 -3.94
C GLU A 143 2.19 2.05 -4.32
N LEU A 144 0.87 2.11 -4.47
CA LEU A 144 0.26 3.37 -4.86
C LEU A 144 0.42 4.42 -3.76
N THR A 145 0.49 3.96 -2.50
CA THR A 145 0.73 4.90 -1.42
C THR A 145 2.12 5.50 -1.48
N HIS A 146 3.11 4.79 -2.01
CA HIS A 146 4.39 5.43 -2.23
C HIS A 146 4.26 6.66 -3.13
N ALA A 147 3.41 6.60 -4.15
CA ALA A 147 3.19 7.75 -5.01
C ALA A 147 2.55 8.90 -4.22
N VAL A 148 1.57 8.58 -3.40
CA VAL A 148 0.96 9.59 -2.52
C VAL A 148 2.02 10.25 -1.63
N THR A 149 2.83 9.44 -0.97
CA THR A 149 3.90 10.00 -0.14
C THR A 149 4.83 10.89 -0.95
N ASP A 150 5.25 10.42 -2.12
CA ASP A 150 6.21 11.19 -2.89
C ASP A 150 5.64 12.56 -3.29
N TYR A 151 4.33 12.65 -3.52
CA TYR A 151 3.68 13.90 -3.89
C TYR A 151 3.33 14.77 -2.70
N THR A 152 3.45 14.27 -1.47
CA THR A 152 3.03 14.99 -0.28
C THR A 152 4.25 15.17 0.62
N ALA A 153 4.41 14.37 1.66
CA ALA A 153 5.51 14.58 2.59
C ALA A 153 6.87 14.46 1.91
N GLY A 154 7.00 13.52 0.96
CA GLY A 154 8.28 13.44 0.24
C GLY A 154 9.37 12.73 1.03
N LEU A 155 8.98 11.91 1.99
CA LEU A 155 9.92 11.23 2.90
C LEU A 155 11.05 10.57 2.12
N ILE A 156 12.28 10.97 2.42
CA ILE A 156 13.47 10.42 1.76
C ILE A 156 13.60 8.95 2.11
N TYR A 157 13.94 8.11 1.13
CA TYR A 157 13.86 6.65 1.26
C TYR A 157 15.13 6.06 1.88
N GLN A 158 15.45 6.52 3.09
CA GLN A 158 16.54 5.94 3.85
C GLN A 158 16.34 6.24 5.32
N ASN A 159 16.90 5.37 6.17
CA ASN A 159 16.97 5.64 7.63
C ASN A 159 15.58 5.92 8.18
N GLU A 160 15.42 6.83 9.15
CA GLU A 160 14.11 6.93 9.81
C GLU A 160 13.04 7.48 8.88
N SER A 161 13.35 8.49 8.06
N SER A 161 13.35 8.50 8.09
CA SER A 161 12.32 8.99 7.16
CA SER A 161 12.37 9.01 7.13
C SER A 161 11.87 7.90 6.20
C SER A 161 11.87 7.89 6.24
N GLY A 162 12.79 7.03 5.78
CA GLY A 162 12.43 5.96 4.89
C GLY A 162 11.60 4.88 5.56
N ALA A 163 11.87 4.58 6.84
CA ALA A 163 11.04 3.67 7.61
C ALA A 163 9.63 4.23 7.81
N ILE A 164 9.52 5.55 7.99
CA ILE A 164 8.18 6.17 8.03
C ILE A 164 7.50 6.02 6.68
N ASN A 165 8.22 6.29 5.59
CA ASN A 165 7.69 6.11 4.26
C ASN A 165 7.12 4.70 4.12
N GLU A 166 7.91 3.68 4.47
CA GLU A 166 7.46 2.29 4.41
C GLU A 166 6.24 2.03 5.28
N ALA A 167 6.25 2.51 6.51
CA ALA A 167 5.13 2.27 7.39
C ALA A 167 3.86 2.92 6.86
N ILE A 168 3.95 4.12 6.30
CA ILE A 168 2.78 4.78 5.69
C ILE A 168 2.17 3.88 4.61
N SER A 169 3.03 3.30 3.77
CA SER A 169 2.55 2.38 2.74
C SER A 169 1.92 1.12 3.34
N ASP A 170 2.49 0.59 4.41
CA ASP A 170 1.87 -0.58 5.06
C ASP A 170 0.56 -0.23 5.76
N ILE A 171 0.52 0.93 6.42
CA ILE A 171 -0.70 1.38 7.07
C ILE A 171 -1.82 1.55 6.06
N PHE A 172 -1.60 2.35 5.02
CA PHE A 172 -2.66 2.54 4.03
C PHE A 172 -2.92 1.31 3.18
N GLY A 173 -1.92 0.48 2.94
CA GLY A 173 -2.21 -0.76 2.27
C GLY A 173 -3.18 -1.61 3.08
N THR A 174 -2.97 -1.66 4.40
CA THR A 174 -3.88 -2.37 5.29
C THR A 174 -5.25 -1.71 5.35
N LEU A 175 -5.29 -0.38 5.45
CA LEU A 175 -6.60 0.28 5.49
C LEU A 175 -7.37 0.05 4.20
N VAL A 176 -6.70 0.00 3.04
CA VAL A 176 -7.39 -0.32 1.79
C VAL A 176 -7.90 -1.76 1.82
N GLU A 177 -7.09 -2.67 2.35
CA GLU A 177 -7.54 -4.06 2.49
C GLU A 177 -8.80 -4.15 3.35
N PHE A 178 -8.85 -3.41 4.47
CA PHE A 178 -10.08 -3.40 5.26
C PHE A 178 -11.23 -2.75 4.51
N TYR A 179 -10.95 -1.71 3.70
CA TYR A 179 -12.01 -1.03 2.95
C TYR A 179 -12.68 -1.99 1.98
N ALA A 180 -11.88 -2.83 1.30
CA ALA A 180 -12.45 -3.80 0.38
C ALA A 180 -13.15 -4.93 1.14
N ASN A 181 -12.70 -5.20 2.35
CA ASN A 181 -13.37 -6.10 3.30
C ASN A 181 -13.41 -7.55 2.83
N LYS A 182 -12.34 -7.99 2.19
CA LYS A 182 -12.17 -9.41 1.85
C LYS A 182 -10.95 -9.95 2.61
N ASN A 183 -11.21 -10.79 3.60
CA ASN A 183 -10.18 -11.38 4.44
C ASN A 183 -9.18 -10.35 4.97
N PRO A 184 -9.65 -9.26 5.59
CA PRO A 184 -8.70 -8.23 6.00
C PRO A 184 -7.95 -8.66 7.25
N ASP A 185 -6.75 -8.14 7.39
CA ASP A 185 -5.89 -8.40 8.53
C ASP A 185 -4.85 -7.28 8.63
N TRP A 186 -4.00 -7.38 9.66
CA TRP A 186 -2.89 -6.44 9.88
C TRP A 186 -1.56 -7.05 9.48
N GLU A 187 -1.60 -8.00 8.54
CA GLU A 187 -0.41 -8.58 7.97
C GLU A 187 -0.20 -7.99 6.58
N ILE A 188 1.04 -8.07 6.07
CA ILE A 188 1.38 -7.52 4.75
C ILE A 188 1.78 -8.65 3.82
N GLY A 189 1.05 -8.77 2.71
CA GLY A 189 1.45 -9.65 1.61
C GLY A 189 1.07 -11.09 1.75
N GLU A 190 0.23 -11.42 2.73
CA GLU A 190 -0.12 -12.80 2.99
C GLU A 190 -0.77 -13.50 1.80
N ASP A 191 -1.42 -12.75 0.90
CA ASP A 191 -2.13 -13.40 -0.20
C ASP A 191 -1.21 -13.86 -1.31
N VAL A 192 0.00 -13.33 -1.39
CA VAL A 192 0.93 -13.66 -2.47
C VAL A 192 2.25 -14.24 -2.00
N TYR A 193 2.53 -14.22 -0.72
CA TYR A 193 3.79 -14.73 -0.19
C TYR A 193 3.72 -16.22 0.06
N THR A 194 4.77 -16.93 -0.36
CA THR A 194 5.02 -18.33 -0.05
C THR A 194 3.78 -19.20 -0.25
N PRO A 195 3.43 -19.49 -1.50
CA PRO A 195 2.25 -20.33 -1.73
C PRO A 195 2.32 -21.70 -1.06
N GLY A 196 3.52 -22.22 -0.79
CA GLY A 196 3.63 -23.48 -0.07
C GLY A 196 3.52 -23.44 1.44
N ILE A 197 3.37 -22.28 2.06
CA ILE A 197 3.34 -22.13 3.51
C ILE A 197 2.11 -21.34 3.88
N SER A 198 1.22 -21.91 4.67
CA SER A 198 0.02 -21.20 5.07
C SER A 198 0.30 -20.39 6.32
N GLY A 199 -0.36 -19.25 6.43
CA GLY A 199 -0.37 -18.54 7.69
C GLY A 199 0.76 -17.57 7.92
N ASP A 200 1.65 -17.38 6.96
CA ASP A 200 2.76 -16.45 7.06
C ASP A 200 2.48 -15.21 6.22
N SER A 201 3.43 -14.28 6.27
CA SER A 201 3.31 -13.02 5.55
C SER A 201 4.70 -12.39 5.47
N LEU A 202 4.77 -11.29 4.75
N LEU A 202 4.81 -11.31 4.70
CA LEU A 202 6.01 -10.56 4.57
CA LEU A 202 6.07 -10.57 4.61
C LEU A 202 6.38 -9.75 5.80
C LEU A 202 6.37 -9.86 5.91
N ARG A 203 5.39 -9.16 6.45
CA ARG A 203 5.54 -8.38 7.67
C ARG A 203 4.23 -8.49 8.42
N SER A 204 4.30 -8.25 9.72
CA SER A 204 3.13 -8.16 10.56
C SER A 204 3.14 -6.79 11.23
N MET A 205 2.00 -6.09 11.19
CA MET A 205 1.88 -4.83 11.92
C MET A 205 1.53 -5.07 13.37
N SER A 206 0.77 -6.13 13.65
CA SER A 206 0.32 -6.42 14.99
C SER A 206 1.44 -7.01 15.82
N ASP A 207 2.36 -7.74 15.20
CA ASP A 207 3.48 -8.35 15.91
C ASP A 207 4.67 -8.39 14.96
N PRO A 208 5.33 -7.23 14.75
CA PRO A 208 6.41 -7.20 13.76
C PRO A 208 7.50 -8.21 14.04
N ALA A 209 7.72 -8.51 15.31
CA ALA A 209 8.81 -9.39 15.67
C ALA A 209 8.60 -10.81 15.17
N LYS A 210 7.38 -11.18 14.81
CA LYS A 210 7.12 -12.51 14.27
C LYS A 210 7.96 -12.78 13.02
N TYR A 211 8.26 -11.74 12.26
CA TYR A 211 9.04 -11.85 11.03
C TYR A 211 10.34 -11.07 11.14
N GLY A 212 10.88 -10.99 12.38
CA GLY A 212 12.16 -10.44 12.76
C GLY A 212 12.27 -8.92 12.76
N ASP A 213 11.20 -8.21 12.72
CA ASP A 213 11.30 -6.75 12.69
C ASP A 213 11.05 -6.15 14.07
N PRO A 214 11.71 -5.04 14.36
CA PRO A 214 11.58 -4.43 15.69
C PRO A 214 10.19 -3.88 15.97
N ASP A 215 9.84 -3.93 17.25
CA ASP A 215 8.58 -3.44 17.77
C ASP A 215 8.80 -2.41 18.87
N HIS A 216 10.01 -1.89 18.97
CA HIS A 216 10.37 -0.90 19.96
C HIS A 216 11.62 -0.19 19.46
N TYR A 217 11.69 1.10 19.72
CA TYR A 217 12.81 1.91 19.20
C TYR A 217 14.15 1.40 19.71
N SER A 218 14.20 0.79 20.91
CA SER A 218 15.44 0.27 21.44
C SER A 218 15.97 -0.90 20.62
N LYS A 219 15.16 -1.46 19.73
CA LYS A 219 15.55 -2.58 18.89
C LYS A 219 15.73 -2.16 17.45
N ARG A 220 15.80 -0.86 17.19
CA ARG A 220 15.95 -0.41 15.82
C ARG A 220 17.26 -0.89 15.20
N TYR A 221 17.20 -1.11 13.89
CA TYR A 221 18.37 -1.44 13.09
C TYR A 221 19.11 -0.18 12.71
N THR A 222 20.43 -0.21 12.85
CA THR A 222 21.24 0.98 12.66
C THR A 222 22.29 0.79 11.58
N GLY A 223 22.26 -0.35 10.86
CA GLY A 223 23.20 -0.62 9.81
C GLY A 223 22.77 -0.05 8.47
N THR A 224 23.43 -0.53 7.41
CA THR A 224 23.24 0.06 6.08
C THR A 224 22.41 -0.78 5.12
N GLN A 225 22.12 -2.03 5.44
CA GLN A 225 21.32 -2.85 4.56
C GLN A 225 19.93 -2.24 4.42
N ASP A 226 19.28 -2.49 3.29
CA ASP A 226 17.89 -2.13 3.09
C ASP A 226 17.71 -0.63 3.28
N ASN A 227 18.63 0.17 2.69
CA ASN A 227 18.54 1.63 2.80
C ASN A 227 18.51 2.11 4.24
N GLY A 228 19.27 1.45 5.12
CA GLY A 228 19.21 1.80 6.52
C GLY A 228 18.02 1.19 7.22
N GLY A 229 17.54 0.05 6.77
CA GLY A 229 16.47 -0.65 7.44
C GLY A 229 15.06 -0.17 7.19
N VAL A 230 14.76 0.37 5.99
CA VAL A 230 13.44 0.97 5.81
C VAL A 230 12.29 -0.03 5.96
N HIS A 231 12.51 -1.31 5.56
CA HIS A 231 11.48 -2.34 5.69
C HIS A 231 11.58 -3.10 7.00
N ILE A 232 12.53 -2.73 7.83
CA ILE A 232 12.81 -3.35 9.14
C ILE A 232 12.28 -2.41 10.22
N ASN A 233 12.82 -1.19 10.29
CA ASN A 233 12.39 -0.22 11.28
C ASN A 233 10.97 0.27 11.07
N SER A 234 10.38 0.02 9.90
CA SER A 234 8.95 0.31 9.71
C SER A 234 8.13 -0.42 10.76
N GLY A 235 8.63 -1.53 11.30
CA GLY A 235 7.90 -2.29 12.30
C GLY A 235 7.57 -1.49 13.54
N ILE A 236 8.44 -0.54 13.89
CA ILE A 236 8.23 0.27 15.09
C ILE A 236 7.01 1.17 14.89
N ILE A 237 6.91 1.78 13.70
CA ILE A 237 5.78 2.65 13.39
C ILE A 237 4.53 1.84 13.09
N ASN A 238 4.67 0.70 12.40
CA ASN A 238 3.52 -0.16 12.15
C ASN A 238 2.90 -0.62 13.45
N LYS A 239 3.73 -0.95 14.43
CA LYS A 239 3.20 -1.37 15.73
C LYS A 239 2.48 -0.22 16.41
N ALA A 240 3.04 1.00 16.35
CA ALA A 240 2.36 2.15 16.93
C ALA A 240 1.00 2.37 16.28
N ALA A 241 0.92 2.27 14.95
CA ALA A 241 -0.34 2.44 14.24
C ALA A 241 -1.35 1.38 14.62
N TYR A 242 -0.90 0.13 14.69
CA TYR A 242 -1.76 -0.96 15.12
C TYR A 242 -2.32 -0.68 16.53
N LEU A 243 -1.45 -0.23 17.45
CA LEU A 243 -1.91 0.05 18.80
C LEU A 243 -2.92 1.20 18.81
N ILE A 244 -2.66 2.27 18.06
CA ILE A 244 -3.61 3.38 17.99
C ILE A 244 -4.99 2.86 17.59
N SER A 245 -5.04 2.00 16.57
CA SER A 245 -6.32 1.53 16.08
C SER A 245 -6.95 0.52 17.02
N GLN A 246 -6.19 -0.50 17.42
CA GLN A 246 -6.76 -1.68 18.03
C GLN A 246 -6.54 -1.76 19.53
N GLY A 247 -5.64 -0.94 20.07
CA GLY A 247 -5.34 -0.94 21.47
C GLY A 247 -4.41 -2.10 21.82
N GLY A 248 -3.98 -2.08 23.07
CA GLY A 248 -3.23 -3.19 23.64
C GLY A 248 -2.25 -2.69 24.66
N THR A 249 -1.61 -3.63 25.35
CA THR A 249 -0.56 -3.30 26.31
C THR A 249 0.72 -3.91 25.78
N HIS A 250 1.72 -3.06 25.54
CA HIS A 250 2.93 -3.45 24.85
C HIS A 250 4.10 -2.91 25.66
N TYR A 251 5.01 -3.81 26.06
CA TYR A 251 6.10 -3.47 26.97
C TYR A 251 5.58 -2.76 28.21
N GLY A 252 4.41 -3.20 28.70
CA GLY A 252 3.82 -2.65 29.89
C GLY A 252 3.07 -1.35 29.73
N VAL A 253 2.99 -0.79 28.54
CA VAL A 253 2.30 0.47 28.28
C VAL A 253 0.96 0.16 27.63
N SER A 254 -0.13 0.63 28.26
CA SER A 254 -1.47 0.36 27.75
C SER A 254 -1.96 1.47 26.83
N VAL A 255 -2.56 1.06 25.72
CA VAL A 255 -3.07 1.96 24.70
C VAL A 255 -4.54 1.66 24.50
N VAL A 256 -5.37 2.70 24.61
CA VAL A 256 -6.78 2.59 24.30
C VAL A 256 -7.00 2.77 22.79
N GLY A 257 -7.52 1.74 22.14
CA GLY A 257 -7.71 1.82 20.69
C GLY A 257 -8.82 2.79 20.32
N ILE A 258 -8.67 3.41 19.16
CA ILE A 258 -9.66 4.37 18.64
C ILE A 258 -10.24 3.95 17.32
N GLY A 259 -9.77 2.84 16.75
CA GLY A 259 -10.34 2.31 15.54
C GLY A 259 -9.61 2.74 14.26
N ARG A 260 -9.85 1.97 13.20
CA ARG A 260 -9.13 2.14 11.94
C ARG A 260 -9.44 3.46 11.29
N ASP A 261 -10.68 3.90 11.34
CA ASP A 261 -11.05 5.10 10.60
C ASP A 261 -10.33 6.31 11.18
N LYS A 262 -10.29 6.45 12.52
CA LYS A 262 -9.57 7.54 13.13
C LYS A 262 -8.07 7.41 12.93
N LEU A 263 -7.52 6.19 12.98
CA LEU A 263 -6.11 5.99 12.62
C LEU A 263 -5.83 6.58 11.23
N GLY A 264 -6.66 6.22 10.27
CA GLY A 264 -6.48 6.69 8.90
C GLY A 264 -6.58 8.19 8.78
N LYS A 265 -7.52 8.80 9.51
CA LYS A 265 -7.64 10.27 9.47
C LYS A 265 -6.39 10.93 10.04
N ILE A 266 -5.90 10.42 11.15
CA ILE A 266 -4.78 11.04 11.82
C ILE A 266 -3.54 10.91 10.97
N PHE A 267 -3.27 9.71 10.43
CA PHE A 267 -2.06 9.54 9.65
C PHE A 267 -2.15 10.20 8.28
N TYR A 268 -3.36 10.27 7.68
CA TYR A 268 -3.48 10.99 6.42
C TYR A 268 -3.18 12.46 6.62
N ARG A 269 -3.70 13.05 7.69
CA ARG A 269 -3.42 14.44 7.99
C ARG A 269 -1.95 14.64 8.32
N ALA A 270 -1.35 13.73 9.06
CA ALA A 270 0.08 13.89 9.35
C ALA A 270 0.90 13.88 8.07
N LEU A 271 0.59 12.92 7.18
CA LEU A 271 1.31 12.76 5.92
C LEU A 271 1.20 13.99 5.05
N THR A 272 0.01 14.59 4.98
CA THR A 272 -0.26 15.62 3.99
C THR A 272 -0.09 17.04 4.52
N GLN A 273 -0.05 17.22 5.85
CA GLN A 273 0.06 18.53 6.43
C GLN A 273 1.29 18.77 7.31
N TYR A 274 1.92 17.75 7.81
CA TYR A 274 2.97 17.96 8.82
C TYR A 274 4.31 17.31 8.52
N LEU A 275 4.33 16.14 7.93
CA LEU A 275 5.59 15.46 7.68
C LEU A 275 6.35 16.15 6.53
N THR A 276 7.69 16.02 6.59
CA THR A 276 8.56 16.61 5.57
C THR A 276 9.53 15.55 5.09
N PRO A 277 10.37 15.87 4.11
CA PRO A 277 11.21 14.81 3.55
C PRO A 277 12.16 14.21 4.55
N THR A 278 12.55 14.97 5.57
CA THR A 278 13.55 14.49 6.52
C THR A 278 12.97 14.11 7.88
N SER A 279 11.65 14.02 8.01
CA SER A 279 11.09 13.72 9.31
C SER A 279 11.64 12.43 9.90
N ASN A 280 11.97 12.47 11.17
CA ASN A 280 12.36 11.28 11.93
C ASN A 280 11.20 10.80 12.80
N PHE A 281 11.43 9.73 13.56
CA PHE A 281 10.33 9.12 14.31
C PHE A 281 9.76 10.06 15.35
N SER A 282 10.62 10.82 16.04
CA SER A 282 10.16 11.77 17.03
C SER A 282 9.28 12.84 16.37
N GLN A 283 9.67 13.29 15.20
CA GLN A 283 8.87 14.24 14.43
C GLN A 283 7.56 13.64 13.94
N LEU A 284 7.54 12.36 13.61
CA LEU A 284 6.28 11.70 13.29
C LEU A 284 5.36 11.70 14.48
N ARG A 285 5.86 11.38 15.68
CA ARG A 285 5.02 11.43 16.87
C ARG A 285 4.40 12.81 17.01
N ALA A 286 5.21 13.85 16.86
CA ALA A 286 4.69 15.21 17.00
C ALA A 286 3.63 15.52 15.92
N ALA A 287 3.88 15.07 14.69
CA ALA A 287 2.93 15.28 13.61
C ALA A 287 1.62 14.56 13.88
N ALA A 288 1.69 13.33 14.37
CA ALA A 288 0.48 12.59 14.70
C ALA A 288 -0.27 13.20 15.87
N VAL A 289 0.45 13.66 16.90
CA VAL A 289 -0.22 14.34 18.01
C VAL A 289 -0.92 15.60 17.53
N GLN A 290 -0.25 16.40 16.70
CA GLN A 290 -0.86 17.63 16.22
C GLN A 290 -2.07 17.33 15.32
N SER A 291 -1.96 16.29 14.50
CA SER A 291 -3.06 15.92 13.60
C SER A 291 -4.27 15.52 14.41
N ALA A 292 -4.06 14.67 15.43
CA ALA A 292 -5.16 14.26 16.28
C ALA A 292 -5.75 15.45 17.04
N THR A 293 -4.90 16.39 17.45
CA THR A 293 -5.38 17.60 18.13
C THR A 293 -6.26 18.41 17.19
N ASP A 294 -5.81 18.60 15.94
CA ASP A 294 -6.63 19.34 14.96
C ASP A 294 -7.99 18.68 14.75
N LEU A 295 -8.02 17.35 14.72
CA LEU A 295 -9.23 16.64 14.35
C LEU A 295 -10.19 16.46 15.52
N TYR A 296 -9.65 16.24 16.72
CA TYR A 296 -10.43 15.75 17.84
C TYR A 296 -10.29 16.59 19.10
N GLY A 297 -9.34 17.49 19.17
CA GLY A 297 -9.19 18.35 20.32
C GLY A 297 -8.07 17.90 21.22
N SER A 298 -7.40 18.87 21.85
CA SER A 298 -6.21 18.57 22.63
C SER A 298 -6.50 17.67 23.83
N THR A 299 -7.71 17.72 24.39
CA THR A 299 -8.07 16.88 25.54
C THR A 299 -8.70 15.56 25.14
N SER A 300 -8.69 15.23 23.86
CA SER A 300 -9.44 14.08 23.41
C SER A 300 -8.74 12.76 23.78
N GLN A 301 -9.54 11.71 23.79
CA GLN A 301 -9.01 10.35 23.86
C GLN A 301 -8.06 10.06 22.71
N GLU A 302 -8.39 10.54 21.50
CA GLU A 302 -7.58 10.25 20.33
C GLU A 302 -6.15 10.77 20.52
N VAL A 303 -5.99 11.98 21.04
CA VAL A 303 -4.65 12.50 21.30
C VAL A 303 -3.95 11.65 22.36
N ALA A 304 -4.65 11.33 23.46
CA ALA A 304 -4.07 10.53 24.52
C ALA A 304 -3.57 9.19 23.98
N SER A 305 -4.37 8.55 23.11
CA SER A 305 -4.01 7.26 22.54
C SER A 305 -2.82 7.32 21.61
N VAL A 306 -2.71 8.37 20.81
CA VAL A 306 -1.52 8.56 19.98
C VAL A 306 -0.28 8.63 20.85
N LYS A 307 -0.34 9.41 21.94
CA LYS A 307 0.80 9.48 22.85
C LYS A 307 1.14 8.15 23.49
N GLN A 308 0.13 7.40 23.96
CA GLN A 308 0.37 6.10 24.57
C GLN A 308 1.06 5.15 23.58
N ALA A 309 0.58 5.14 22.34
CA ALA A 309 1.11 4.22 21.33
C ALA A 309 2.58 4.51 21.03
N PHE A 310 2.92 5.79 20.86
CA PHE A 310 4.32 6.11 20.63
C PHE A 310 5.16 5.84 21.88
N ASP A 311 4.60 6.07 23.08
CA ASP A 311 5.29 5.68 24.31
C ASP A 311 5.58 4.20 24.32
N ALA A 312 4.58 3.40 23.93
CA ALA A 312 4.73 1.95 24.00
C ALA A 312 5.84 1.43 23.09
N VAL A 313 6.11 2.09 21.97
CA VAL A 313 7.18 1.69 21.08
C VAL A 313 8.45 2.48 21.32
N GLY A 314 8.51 3.25 22.41
CA GLY A 314 9.76 3.90 22.76
C GLY A 314 10.09 5.14 21.98
N VAL A 315 9.10 5.80 21.36
CA VAL A 315 9.36 6.98 20.55
C VAL A 315 8.81 8.18 21.30
N LYS A 316 9.72 9.07 21.69
CA LYS A 316 9.34 10.29 22.38
C LYS A 316 9.44 11.53 21.50
ZN ZN B . 7.39 0.04 0.10
CA CA C . -9.41 -12.45 -23.81
CA CA D . -2.91 -8.03 4.54
CA CA E . -5.82 -10.46 4.06
CA CA F . 2.35 -18.16 2.44
C1 GOL G . 14.25 -10.07 -7.52
O1 GOL G . 13.58 -11.33 -7.54
C2 GOL G . 13.87 -9.32 -6.25
O2 GOL G . 14.59 -9.95 -5.20
C3 GOL G . 14.35 -7.87 -6.31
O3 GOL G . 14.03 -7.26 -5.06
C1 GOL H . 9.23 2.43 -3.40
O1 GOL H . 8.58 1.52 -4.30
C2 GOL H . 10.10 3.47 -4.08
O2 GOL H . 9.26 4.32 -4.84
C3 GOL H . 10.92 4.27 -3.08
O3 GOL H . 10.05 5.02 -2.23
C2 7GR I . 7.26 -3.89 -1.18
C9 7GR I . 10.36 -5.50 0.32
C10 7GR I . 11.74 -5.13 -0.11
C14 7GR I . 10.16 -7.01 0.52
C19 7GR I . 8.93 -7.84 -1.55
C31 7GR I . 10.19 -1.82 -2.89
N1 7GR I . 7.97 -3.23 -2.27
C5 7GR I . 8.16 -4.53 -0.16
O6 7GR I . 7.78 -4.70 0.98
N7 7GR I . 9.42 -4.90 -0.58
O11 7GR I . 11.95 -4.47 -1.19
O12 7GR I . 12.71 -5.44 0.65
C17 7GR I . 10.25 -7.81 -0.76
C23 7GR I . 10.68 -9.23 -0.39
P28 7GR I . 8.55 -1.67 -2.15
O29 7GR I . 7.72 -0.67 -2.94
O30 7GR I . 8.61 -1.31 -0.66
C39 7GR I . 13.62 1.33 -4.36
C42 7GR I . 13.31 2.32 -5.52
C43 7GR I . 12.83 1.86 -6.76
C45 7GR I . 12.60 2.74 -7.81
C47 7GR I . 12.81 4.10 -7.67
C49 7GR I . 13.29 4.57 -6.45
C51 7GR I . 13.55 3.68 -5.39
N34 7GR I . 10.84 -0.56 -2.78
N34 7GR I . 10.70 -0.54 -3.33
C36 7GR I . 11.85 -0.25 -3.71
C36 7GR I . 12.08 -0.19 -3.25
O37 7GR I . 12.08 -1.03 -4.62
O37 7GR I . 12.92 -0.96 -2.87
O38 7GR I . 12.51 0.99 -3.52
O38 7GR I . 12.41 1.15 -3.59
XE XE J . -4.38 7.04 -5.07
XE XE K . 4.10 -4.87 0.22
S DMS L . -8.06 19.51 -4.44
O DMS L . -7.29 20.78 -4.66
C1 DMS L . -9.68 20.09 -3.83
C2 DMS L . -8.61 18.89 -6.05
S DMS M . 14.01 -1.98 -6.50
O DMS M . 15.36 -2.55 -6.80
C1 DMS M . 13.34 -1.43 -8.08
C2 DMS M . 12.80 -3.27 -6.11
S DMS N . -11.60 7.28 -23.76
O DMS N . -11.65 8.14 -25.02
C1 DMS N . -10.52 8.28 -22.70
C2 DMS N . -13.21 7.65 -23.01
S DMS O . 12.50 -1.73 26.14
O DMS O . 13.47 -1.46 27.23
C1 DMS O . 12.61 -3.43 25.55
C2 DMS O . 10.89 -1.85 26.94
#